data_7JUW
#
_entry.id   7JUW
#
_cell.length_a   137.710
_cell.length_b   137.710
_cell.length_c   218.910
_cell.angle_alpha   90.00
_cell.angle_beta   90.00
_cell.angle_gamma   120.00
#
_symmetry.space_group_name_H-M   'P 61 2 2'
#
loop_
_entity.id
_entity.type
_entity.pdbx_description
1 polymer 'Kinase suppressor of Ras 1'
2 polymer 'Dual specificity mitogen-activated protein kinase kinase 1'
3 non-polymer 'PHOSPHOAMINOPHOSPHONIC ACID-ADENYLATE ESTER'
4 non-polymer 'MAGNESIUM ION'
5 water water
#
loop_
_entity_poly.entity_id
_entity_poly.type
_entity_poly.pdbx_seq_one_letter_code
_entity_poly.pdbx_strand_id
1 'polypeptide(L)'
;MSYYHHHHHHDYDIPTTENLYFQGAPISRKASQTSVYLQEWDIPFEQVELGEPIGQGRWGRVHRGRWHGEVAIRLLEMDG
HNQDHLKLFKKEVMNYRQTRHENVVLFMGACMNPPHLAIITSFCKGRTLHSFVRDPKTSLDINKTRQIAQEIIKGMGYLH
AKGIVHKDLKSKNVFYDNGKVVITDFGLFGISGVVREGRRENQLKLSHDWLCYLAPEIVREMTPGKDEDQLPFSKAADVY
AFGTVWYELQARDWPLKNQAAEASIWQIGSGEGMKRVLTSVSLGKEVSEILSACWAFDLQERPSFSLLMDMLEKLPKLNR
RLSHPGHFWKSAEI
;
B
2 'polypeptide(L)'
;MSYYHHHHHHDYDIPTTENLYFQGAKKLEELELDEQQRKRLEAFLTQKQKVGELKDDDFEKISELGAGNGGVVFKVSHKP
SGLVMARKLIHLEIKPAIRNQIIRELQVLHECNSPYIVGFYGAFYSDGEISICMEHMDGGSLDQVLKKAGRIPEQILGKV
SIAVIKGLTYLREKHKIMHRDVKPSNILVNSRGEIKLCDFGVSGQLIDSMANSFVGTRSYMSPERLQGTHYSVQSDIWSM
GLSLVEMAVGRYPIPPPDAKELELMFGCQVEGDAAETPPRPRTPGRPLSSYGMDSRPPMAIFELLDYIVNEPPPKLPSAV
FSLEFQDFVNKCLIKNPAERADLKQLMVHAFIKRSDAEEVDFAGWLCSTIGLNQPSTPTHAAGV
;
C
#
loop_
_chem_comp.id
_chem_comp.type
_chem_comp.name
_chem_comp.formula
ANP non-polymer 'PHOSPHOAMINOPHOSPHONIC ACID-ADENYLATE ESTER' 'C10 H17 N6 O12 P3'
MG non-polymer 'MAGNESIUM ION' 'Mg 2'
#
# COMPACT_ATOMS: atom_id res chain seq x y z
N VAL A 36 -17.38 11.64 -30.84
CA VAL A 36 -18.45 12.40 -30.21
C VAL A 36 -18.12 13.88 -30.16
N TYR A 37 -18.93 14.65 -30.86
CA TYR A 37 -18.80 16.10 -30.92
C TYR A 37 -19.87 16.79 -30.08
N LEU A 38 -20.53 16.03 -29.20
CA LEU A 38 -21.47 16.47 -28.17
C LEU A 38 -22.82 16.90 -28.74
N GLN A 39 -22.86 17.30 -30.00
CA GLN A 39 -24.15 17.59 -30.61
C GLN A 39 -24.92 16.33 -30.99
N GLU A 40 -24.31 15.14 -30.82
CA GLU A 40 -24.96 13.88 -31.12
C GLU A 40 -25.78 13.35 -29.96
N TRP A 41 -25.98 14.18 -28.93
CA TRP A 41 -26.66 13.74 -27.72
C TRP A 41 -27.98 14.47 -27.57
N ASP A 42 -28.91 13.84 -26.86
CA ASP A 42 -30.26 14.40 -26.78
C ASP A 42 -30.38 15.60 -25.84
N ILE A 43 -29.37 15.88 -25.03
CA ILE A 43 -29.44 17.10 -24.22
C ILE A 43 -29.05 18.26 -25.12
N PRO A 44 -29.94 19.22 -25.31
CA PRO A 44 -29.63 20.40 -26.11
C PRO A 44 -28.54 21.23 -25.44
N PHE A 45 -27.47 21.48 -26.18
CA PHE A 45 -26.36 22.19 -25.60
C PHE A 45 -25.84 23.24 -26.56
N GLU A 46 -25.77 24.47 -26.05
CA GLU A 46 -25.12 25.55 -26.75
C GLU A 46 -23.66 25.70 -26.33
N GLN A 47 -23.38 25.56 -25.04
CA GLN A 47 -22.07 25.83 -24.46
C GLN A 47 -22.09 25.39 -23.00
N VAL A 48 -20.98 24.80 -22.55
CA VAL A 48 -20.80 24.44 -21.14
C VAL A 48 -19.42 24.88 -20.71
N GLU A 49 -19.35 25.47 -19.51
CA GLU A 49 -18.17 26.17 -19.02
C GLU A 49 -17.57 25.42 -17.84
N LEU A 50 -16.24 25.33 -17.82
CA LEU A 50 -15.56 24.67 -16.71
C LEU A 50 -15.59 25.57 -15.48
N GLY A 51 -15.78 24.96 -14.30
CA GLY A 51 -15.64 25.67 -13.05
C GLY A 51 -14.50 25.09 -12.24
N GLU A 52 -14.52 25.31 -10.92
CA GLU A 52 -13.41 24.88 -10.08
C GLU A 52 -13.28 23.36 -10.07
N PRO A 53 -12.08 22.84 -9.94
CA PRO A 53 -11.89 21.39 -9.81
C PRO A 53 -12.35 20.91 -8.44
N ILE A 54 -12.70 19.62 -8.38
CA ILE A 54 -13.21 19.03 -7.14
C ILE A 54 -12.68 17.61 -6.99
N GLY A 55 -11.39 17.41 -7.23
CA GLY A 55 -10.77 16.12 -6.99
C GLY A 55 -10.15 15.44 -8.19
N GLN A 56 -8.98 14.84 -7.99
CA GLN A 56 -8.31 14.04 -8.99
C GLN A 56 -8.46 12.55 -8.67
N GLY A 57 -8.00 11.72 -9.59
CA GLY A 57 -8.08 10.28 -9.41
C GLY A 57 -7.46 9.56 -10.59
N ARG A 58 -7.56 8.23 -10.55
CA ARG A 58 -6.97 7.41 -11.61
C ARG A 58 -7.56 7.71 -12.98
N TRP A 59 -8.77 8.26 -13.03
CA TRP A 59 -9.47 8.51 -14.28
C TRP A 59 -9.71 10.01 -14.40
N GLY A 60 -8.69 10.71 -14.86
CA GLY A 60 -8.81 12.13 -15.16
C GLY A 60 -9.13 13.01 -13.97
N ARG A 61 -9.44 14.27 -14.25
CA ARG A 61 -9.71 15.27 -13.23
C ARG A 61 -11.16 15.72 -13.33
N VAL A 62 -11.83 15.89 -12.20
CA VAL A 62 -13.25 16.18 -12.20
C VAL A 62 -13.45 17.64 -11.79
N HIS A 63 -14.03 18.41 -12.70
CA HIS A 63 -14.39 19.80 -12.46
C HIS A 63 -15.89 19.93 -12.26
N ARG A 64 -16.25 20.99 -11.56
CA ARG A 64 -17.61 21.47 -11.52
C ARG A 64 -17.83 22.38 -12.72
N GLY A 65 -19.06 22.44 -13.20
CA GLY A 65 -19.29 23.25 -14.38
C GLY A 65 -20.73 23.66 -14.51
N ARG A 66 -20.97 24.59 -15.43
CA ARG A 66 -22.31 25.01 -15.77
C ARG A 66 -22.59 24.57 -17.20
N TRP A 67 -23.57 23.69 -17.36
CA TRP A 67 -24.27 23.53 -18.61
C TRP A 67 -25.04 24.83 -18.65
N HIS A 68 -30.03 26.31 -17.51
CA HIS A 68 -28.74 26.54 -16.92
C HIS A 68 -28.79 25.61 -15.74
N GLY A 69 -27.78 24.77 -15.63
CA GLY A 69 -27.75 23.78 -14.56
C GLY A 69 -26.30 23.47 -14.28
N GLU A 70 -26.06 23.01 -13.07
CA GLU A 70 -24.72 22.59 -12.72
C GLU A 70 -24.49 21.15 -13.19
N VAL A 71 -23.24 20.85 -13.55
CA VAL A 71 -22.85 19.54 -14.07
C VAL A 71 -21.46 19.21 -13.53
N ALA A 72 -21.08 17.94 -13.63
CA ALA A 72 -19.74 17.47 -13.32
C ALA A 72 -19.08 17.01 -14.62
N ILE A 73 -17.83 17.45 -14.83
CA ILE A 73 -17.10 17.24 -16.07
C ILE A 73 -15.81 16.51 -15.73
N ARG A 74 -15.64 15.32 -16.28
CA ARG A 74 -14.45 14.51 -16.03
C ARG A 74 -13.56 14.56 -17.27
N LEU A 75 -12.31 14.98 -17.06
CA LEU A 75 -11.31 15.14 -18.11
C LEU A 75 -10.38 13.94 -18.11
N LEU A 76 -10.31 13.27 -19.25
CA LEU A 76 -9.45 12.11 -19.46
C LEU A 76 -8.52 12.39 -20.63
N GLU A 77 -7.39 11.69 -20.66
CA GLU A 77 -6.51 11.68 -21.82
C GLU A 77 -6.10 10.26 -22.12
N MET A 78 -6.07 9.92 -23.40
CA MET A 78 -5.87 8.55 -23.85
C MET A 78 -4.41 8.38 -24.26
N ASP A 79 -3.63 7.77 -23.38
CA ASP A 79 -2.30 7.32 -23.75
C ASP A 79 -2.37 6.40 -24.97
N GLY A 80 -3.21 5.35 -24.87
CA GLY A 80 -3.13 4.25 -25.81
C GLY A 80 -3.06 4.67 -27.25
N HIS A 81 -3.91 5.61 -27.66
CA HIS A 81 -3.90 6.17 -29.00
C HIS A 81 -4.17 5.09 -30.06
N ASN A 82 -4.45 3.85 -29.64
CA ASN A 82 -4.86 2.78 -30.55
C ASN A 82 -6.37 2.83 -30.71
N GLN A 83 -6.85 2.70 -31.95
CA GLN A 83 -8.27 2.97 -32.14
C GLN A 83 -9.16 1.88 -31.57
N ASP A 84 -8.60 0.76 -31.09
CA ASP A 84 -9.41 -0.21 -30.37
C ASP A 84 -9.92 0.37 -29.06
N HIS A 85 -9.06 1.09 -28.33
CA HIS A 85 -9.48 1.71 -27.08
C HIS A 85 -10.58 2.73 -27.32
N LEU A 86 -10.42 3.58 -28.34
CA LEU A 86 -11.45 4.57 -28.64
C LEU A 86 -12.73 3.91 -29.15
N LYS A 87 -12.61 2.74 -29.77
CA LYS A 87 -13.81 2.01 -30.20
C LYS A 87 -14.62 1.55 -29.00
N LEU A 88 -13.96 0.95 -28.00
CA LEU A 88 -14.66 0.55 -26.79
C LEU A 88 -15.19 1.76 -26.04
N PHE A 89 -14.42 2.85 -26.01
CA PHE A 89 -14.90 4.07 -25.37
C PHE A 89 -16.20 4.52 -26.00
N LYS A 90 -16.23 4.59 -27.34
CA LYS A 90 -17.45 4.93 -28.07
C LYS A 90 -18.59 3.97 -27.72
N LYS A 91 -18.27 2.68 -27.64
CA LYS A 91 -19.27 1.66 -27.29
C LYS A 91 -19.91 1.96 -25.94
N GLU A 92 -19.08 2.10 -24.90
CA GLU A 92 -19.61 2.31 -23.56
C GLU A 92 -20.31 3.67 -23.44
N VAL A 93 -19.83 4.71 -24.14
CA VAL A 93 -20.46 6.02 -23.96
C VAL A 93 -21.82 6.06 -24.64
N MET A 94 -21.98 5.38 -25.78
CA MET A 94 -23.34 5.38 -26.32
C MET A 94 -24.21 4.38 -25.57
N ASN A 95 -23.63 3.39 -24.89
CA ASN A 95 -24.44 2.53 -24.02
C ASN A 95 -24.98 3.30 -22.83
N TYR A 96 -24.18 4.21 -22.26
CA TYR A 96 -24.64 5.02 -21.14
C TYR A 96 -25.73 5.99 -21.55
N ARG A 97 -25.80 6.36 -22.83
CA ARG A 97 -26.86 7.25 -23.27
C ARG A 97 -28.23 6.63 -22.98
N GLN A 98 -28.37 5.32 -23.13
CA GLN A 98 -29.67 4.68 -23.05
C GLN A 98 -30.22 4.59 -21.63
N THR A 99 -29.54 5.14 -20.64
CA THR A 99 -29.92 5.02 -19.23
C THR A 99 -30.62 6.28 -18.73
N ARG A 100 -31.64 6.07 -17.89
CA ARG A 100 -32.30 7.15 -17.16
C ARG A 100 -33.13 6.53 -16.04
N HIS A 101 -32.87 6.96 -14.80
CA HIS A 101 -33.43 6.34 -13.60
C HIS A 101 -33.12 7.24 -12.42
N GLU A 102 -34.10 7.41 -11.52
CA GLU A 102 -33.98 8.42 -10.46
C GLU A 102 -32.93 8.08 -9.41
N ASN A 103 -32.37 6.87 -9.42
CA ASN A 103 -31.29 6.52 -8.50
C ASN A 103 -29.93 6.44 -9.18
N VAL A 104 -29.88 6.59 -10.49
CA VAL A 104 -28.63 6.63 -11.24
C VAL A 104 -28.39 8.05 -11.69
N VAL A 105 -27.15 8.53 -11.50
CA VAL A 105 -26.80 9.87 -11.98
C VAL A 105 -27.08 9.94 -13.47
N LEU A 106 -27.56 11.10 -13.92
CA LEU A 106 -27.90 11.25 -15.33
C LEU A 106 -26.62 11.44 -16.13
N PHE A 107 -26.34 10.50 -17.03
CA PHE A 107 -25.31 10.70 -18.04
C PHE A 107 -25.86 11.66 -19.10
N MET A 108 -25.10 12.71 -19.37
CA MET A 108 -25.54 13.74 -20.31
C MET A 108 -24.75 13.70 -21.61
N GLY A 109 -23.43 13.84 -21.55
CA GLY A 109 -22.67 13.94 -22.77
C GLY A 109 -21.27 13.39 -22.63
N ALA A 110 -20.62 13.24 -23.78
CA ALA A 110 -19.21 12.90 -23.82
C ALA A 110 -18.67 13.41 -25.14
N CYS A 111 -17.53 14.06 -25.11
CA CYS A 111 -16.86 14.43 -26.34
C CYS A 111 -15.42 13.95 -26.32
N MET A 112 -14.91 13.66 -27.50
CA MET A 112 -13.60 13.05 -27.65
C MET A 112 -12.86 13.77 -28.77
N ASN A 113 -11.95 14.65 -28.40
CA ASN A 113 -10.97 15.17 -29.34
C ASN A 113 -9.65 14.52 -28.98
N PRO A 114 -9.41 13.30 -29.43
CA PRO A 114 -8.32 12.47 -28.89
C PRO A 114 -6.98 13.18 -29.05
N PRO A 115 -6.10 13.10 -28.04
CA PRO A 115 -6.19 12.23 -26.86
C PRO A 115 -7.10 12.73 -25.74
N HIS A 116 -7.66 13.93 -25.89
CA HIS A 116 -8.42 14.58 -24.82
C HIS A 116 -9.90 14.16 -24.91
N LEU A 117 -10.46 13.73 -23.79
CA LEU A 117 -11.85 13.29 -23.73
C LEU A 117 -12.51 13.89 -22.50
N ALA A 118 -13.83 13.98 -22.55
CA ALA A 118 -14.60 14.56 -21.45
C ALA A 118 -15.93 13.82 -21.32
N ILE A 119 -16.31 13.55 -20.08
CA ILE A 119 -17.59 12.91 -19.75
C ILE A 119 -18.36 13.85 -18.83
N ILE A 120 -19.59 14.18 -19.19
CA ILE A 120 -20.40 15.19 -18.53
C ILE A 120 -21.64 14.52 -17.96
N THR A 121 -21.78 14.56 -16.63
CA THR A 121 -22.95 14.05 -15.92
C THR A 121 -23.56 15.16 -15.08
N SER A 122 -24.76 14.90 -14.55
CA SER A 122 -25.43 15.84 -13.68
C SER A 122 -24.68 15.96 -12.36
N PHE A 123 -24.59 17.19 -11.85
CA PHE A 123 -23.90 17.44 -10.59
C PHE A 123 -24.81 17.08 -9.42
N CYS A 124 -24.23 16.42 -8.42
CA CYS A 124 -24.98 15.94 -7.26
C CYS A 124 -24.73 16.89 -6.10
N LYS A 125 -25.77 17.63 -5.72
CA LYS A 125 -25.74 18.34 -4.46
C LYS A 125 -25.85 17.33 -3.31
N GLY A 126 -25.52 17.79 -2.11
CA GLY A 126 -25.52 16.92 -0.97
C GLY A 126 -24.17 16.24 -0.77
N ARG A 127 -24.17 15.30 0.16
CA ARG A 127 -22.96 14.70 0.67
C ARG A 127 -22.81 13.26 0.21
N THR A 128 -21.56 12.81 0.08
CA THR A 128 -21.30 11.40 -0.18
C THR A 128 -21.80 10.57 0.99
N LEU A 129 -22.40 9.42 0.69
CA LEU A 129 -22.85 8.51 1.75
C LEU A 129 -21.70 8.17 2.68
N HIS A 130 -20.49 8.10 2.12
CA HIS A 130 -19.27 7.83 2.89
C HIS A 130 -19.10 8.82 4.04
N SER A 131 -18.98 10.11 3.72
CA SER A 131 -18.87 11.13 4.76
C SER A 131 -20.18 11.31 5.54
N PHE A 132 -21.29 10.74 5.05
CA PHE A 132 -22.58 10.93 5.70
C PHE A 132 -22.78 9.97 6.87
N VAL A 133 -22.38 8.70 6.72
CA VAL A 133 -22.50 7.79 7.84
C VAL A 133 -21.47 8.13 8.92
N ARG A 134 -20.37 8.77 8.55
CA ARG A 134 -19.28 9.09 9.47
C ARG A 134 -19.50 10.39 10.23
N ASP A 135 -20.68 10.98 10.12
CA ASP A 135 -20.91 12.25 10.81
C ASP A 135 -21.41 11.96 12.23
N PRO A 136 -20.86 12.65 13.23
CA PRO A 136 -21.49 12.63 14.57
C PRO A 136 -22.97 12.94 14.51
N LYS A 137 -23.32 14.11 13.97
CA LYS A 137 -24.70 14.58 14.02
C LYS A 137 -25.67 13.70 13.26
N THR A 138 -25.18 12.85 12.35
CA THR A 138 -26.09 12.02 11.56
C THR A 138 -26.72 10.93 12.41
N SER A 139 -28.01 10.67 12.16
CA SER A 139 -28.82 9.74 12.94
C SER A 139 -29.34 8.65 12.01
N LEU A 140 -28.58 7.57 11.91
CA LEU A 140 -29.06 6.37 11.21
C LEU A 140 -29.79 5.47 12.18
N ASP A 141 -30.69 4.66 11.64
CA ASP A 141 -31.49 3.76 12.46
C ASP A 141 -31.92 2.58 11.60
N ILE A 142 -32.54 1.59 12.25
CA ILE A 142 -32.95 0.36 11.58
C ILE A 142 -33.87 0.61 10.38
N ASN A 143 -34.52 1.77 10.32
CA ASN A 143 -35.37 2.10 9.17
C ASN A 143 -34.59 2.79 8.06
N LYS A 144 -34.00 3.95 8.37
CA LYS A 144 -33.23 4.75 7.43
C LYS A 144 -32.21 3.94 6.66
N THR A 145 -31.49 3.04 7.35
CA THR A 145 -30.50 2.22 6.65
C THR A 145 -31.16 1.37 5.58
N ARG A 146 -32.28 0.71 5.93
CA ARG A 146 -32.97 -0.11 4.94
C ARG A 146 -33.47 0.73 3.77
N GLN A 147 -33.97 1.94 4.05
CA GLN A 147 -34.50 2.79 2.99
C GLN A 147 -33.40 3.21 2.01
N ILE A 148 -32.29 3.73 2.54
CA ILE A 148 -31.14 4.09 1.72
C ILE A 148 -30.67 2.89 0.90
N ALA A 149 -30.59 1.73 1.56
CA ALA A 149 -30.15 0.52 0.88
C ALA A 149 -31.08 0.16 -0.27
N GLN A 150 -32.40 0.30 -0.07
CA GLN A 150 -33.35 -0.05 -1.11
C GLN A 150 -33.23 0.91 -2.30
N GLU A 151 -32.97 2.19 -2.03
CA GLU A 151 -32.68 3.13 -3.12
C GLU A 151 -31.50 2.62 -3.95
N ILE A 152 -30.39 2.31 -3.28
CA ILE A 152 -29.20 1.84 -3.98
C ILE A 152 -29.51 0.57 -4.77
N ILE A 153 -30.34 -0.31 -4.21
CA ILE A 153 -30.64 -1.58 -4.86
C ILE A 153 -31.47 -1.35 -6.11
N LYS A 154 -32.46 -0.44 -6.05
CA LYS A 154 -33.21 -0.10 -7.26
C LYS A 154 -32.29 0.39 -8.36
N GLY A 155 -31.35 1.29 -8.01
CA GLY A 155 -30.44 1.82 -9.01
C GLY A 155 -29.59 0.74 -9.65
N MET A 156 -28.97 -0.10 -8.81
CA MET A 156 -28.15 -1.18 -9.34
C MET A 156 -28.97 -2.16 -10.16
N GLY A 157 -30.22 -2.42 -9.76
CA GLY A 157 -31.06 -3.32 -10.52
C GLY A 157 -31.34 -2.81 -11.92
N TYR A 158 -31.64 -1.51 -12.03
CA TYR A 158 -31.75 -0.91 -13.36
C TYR A 158 -30.47 -1.14 -14.16
N LEU A 159 -29.35 -0.65 -13.62
CA LEU A 159 -28.08 -0.76 -14.35
C LEU A 159 -27.81 -2.19 -14.83
N HIS A 160 -28.17 -3.18 -14.01
CA HIS A 160 -27.93 -4.56 -14.39
C HIS A 160 -28.89 -5.02 -15.48
N ALA A 161 -30.15 -4.58 -15.42
CA ALA A 161 -31.12 -4.95 -16.44
C ALA A 161 -30.64 -4.56 -17.83
N LYS A 162 -30.14 -3.33 -17.97
CA LYS A 162 -29.55 -2.92 -19.24
C LYS A 162 -28.17 -3.51 -19.47
N GLY A 163 -27.71 -4.43 -18.62
CA GLY A 163 -26.44 -5.10 -18.86
C GLY A 163 -25.20 -4.29 -18.61
N ILE A 164 -25.29 -3.21 -17.84
CA ILE A 164 -24.15 -2.39 -17.46
C ILE A 164 -23.71 -2.82 -16.06
N VAL A 165 -22.43 -3.14 -15.91
CA VAL A 165 -21.84 -3.46 -14.62
C VAL A 165 -21.16 -2.21 -14.08
N HIS A 166 -21.40 -1.90 -12.81
CA HIS A 166 -20.84 -0.68 -12.23
C HIS A 166 -19.32 -0.75 -12.19
N LYS A 167 -18.77 -1.83 -11.66
CA LYS A 167 -17.35 -2.12 -11.50
C LYS A 167 -16.66 -1.20 -10.50
N ASP A 168 -17.39 -0.32 -9.80
CA ASP A 168 -16.80 0.58 -8.82
C ASP A 168 -17.84 1.11 -7.85
N LEU A 169 -18.80 0.27 -7.47
CA LEU A 169 -19.76 0.68 -6.46
C LEU A 169 -19.04 0.79 -5.11
N LYS A 170 -19.20 1.94 -4.45
CA LYS A 170 -18.65 2.12 -3.11
C LYS A 170 -19.34 3.31 -2.46
N SER A 171 -19.04 3.52 -1.18
CA SER A 171 -19.75 4.52 -0.39
C SER A 171 -19.48 5.92 -0.92
N LYS A 172 -18.28 6.17 -1.42
CA LYS A 172 -17.93 7.49 -1.97
C LYS A 172 -18.58 7.74 -3.33
N ASN A 173 -19.14 6.72 -3.97
CA ASN A 173 -19.85 6.88 -5.24
C ASN A 173 -21.35 6.75 -5.07
N VAL A 174 -21.87 7.16 -3.91
CA VAL A 174 -23.31 7.28 -3.68
C VAL A 174 -23.53 8.61 -2.96
N PHE A 175 -24.50 9.38 -3.44
CA PHE A 175 -24.77 10.71 -2.94
C PHE A 175 -26.13 10.73 -2.27
N TYR A 176 -26.21 11.46 -1.16
CA TYR A 176 -27.41 11.55 -0.33
C TYR A 176 -27.71 13.02 -0.12
N ASP A 177 -28.82 13.48 -0.65
CA ASP A 177 -29.27 14.86 -0.46
C ASP A 177 -30.71 14.79 0.02
N ASN A 178 -30.93 15.17 1.28
CA ASN A 178 -32.21 15.00 1.94
C ASN A 178 -32.70 13.57 1.76
N GLY A 179 -33.84 13.38 1.11
CA GLY A 179 -34.36 12.04 0.94
C GLY A 179 -33.68 11.21 -0.14
N LYS A 180 -33.02 11.86 -1.10
CA LYS A 180 -32.71 11.22 -2.37
C LYS A 180 -31.29 10.68 -2.43
N VAL A 181 -31.14 9.54 -3.11
CA VAL A 181 -29.93 8.74 -3.16
C VAL A 181 -29.57 8.47 -4.62
N VAL A 182 -28.33 8.77 -5.02
CA VAL A 182 -27.92 8.72 -6.42
C VAL A 182 -26.57 8.02 -6.55
N ILE A 183 -26.45 7.10 -7.50
CA ILE A 183 -25.21 6.37 -7.76
C ILE A 183 -24.43 7.09 -8.85
N THR A 184 -23.12 7.26 -8.65
CA THR A 184 -22.27 7.91 -9.64
C THR A 184 -21.21 6.94 -10.16
N ASP A 185 -20.44 7.43 -11.15
CA ASP A 185 -19.15 6.87 -11.56
C ASP A 185 -19.27 5.41 -12.01
N PHE A 186 -20.35 5.06 -12.69
CA PHE A 186 -20.52 3.68 -13.11
C PHE A 186 -19.95 3.44 -14.50
N GLY A 187 -19.73 2.17 -14.81
CA GLY A 187 -19.12 1.72 -16.05
C GLY A 187 -17.71 2.19 -16.30
N LEU A 188 -17.17 3.09 -15.47
CA LEU A 188 -15.98 3.85 -15.84
C LEU A 188 -14.68 3.02 -15.84
N PHE A 189 -14.65 1.90 -15.13
CA PHE A 189 -13.43 1.11 -15.08
C PHE A 189 -13.13 0.39 -16.38
N GLY A 190 -14.05 0.39 -17.35
CA GLY A 190 -13.82 -0.36 -18.57
C GLY A 190 -12.91 0.32 -19.57
N ILE A 191 -12.47 1.55 -19.29
CA ILE A 191 -11.76 2.36 -20.27
C ILE A 191 -10.26 2.31 -19.98
N SER A 192 -9.46 2.78 -20.93
CA SER A 192 -8.02 2.50 -20.97
C SER A 192 -7.25 3.78 -21.30
N GLY A 193 -7.39 4.80 -20.44
CA GLY A 193 -6.63 6.02 -20.56
C GLY A 193 -5.47 6.06 -19.60
N VAL A 194 -4.70 7.16 -19.68
CA VAL A 194 -3.56 7.35 -18.79
C VAL A 194 -4.02 7.19 -17.36
N VAL A 195 -3.21 6.50 -16.56
CA VAL A 195 -3.48 6.43 -15.13
C VAL A 195 -2.37 7.14 -14.38
N ARG A 200 3.21 5.55 -12.35
CA ARG A 200 3.11 4.09 -12.29
C ARG A 200 4.49 3.46 -12.04
N GLU A 201 4.52 2.13 -12.15
CA GLU A 201 5.71 1.29 -12.04
C GLU A 201 5.21 -0.15 -12.17
N ASN A 202 6.10 -1.12 -12.03
CA ASN A 202 5.68 -2.51 -11.83
C ASN A 202 5.72 -2.85 -10.34
N GLN A 203 5.03 -2.02 -9.56
CA GLN A 203 4.53 -2.36 -8.25
C GLN A 203 3.05 -1.97 -8.28
N LEU A 204 2.36 -2.06 -7.16
CA LEU A 204 0.98 -1.60 -7.09
C LEU A 204 0.82 -0.61 -5.94
N LYS A 205 -0.16 0.28 -6.09
CA LYS A 205 -0.60 1.15 -5.00
C LYS A 205 -2.11 1.07 -4.92
N LEU A 206 -2.62 0.56 -3.80
CA LEU A 206 -4.04 0.28 -3.65
C LEU A 206 -4.55 0.96 -2.38
N SER A 207 -5.45 1.92 -2.53
CA SER A 207 -6.09 2.54 -1.38
C SER A 207 -6.83 1.48 -0.58
N HIS A 208 -6.93 1.73 0.74
CA HIS A 208 -7.58 0.75 1.61
C HIS A 208 -9.10 0.78 1.44
N ASP A 209 -9.68 1.99 1.44
CA ASP A 209 -11.11 2.15 1.24
C ASP A 209 -11.59 1.36 0.04
N TRP A 210 -10.83 1.38 -1.06
CA TRP A 210 -11.25 0.66 -2.26
C TRP A 210 -11.27 -0.85 -2.03
N LEU A 211 -10.18 -1.40 -1.48
CA LEU A 211 -10.02 -2.85 -1.37
C LEU A 211 -11.11 -3.43 -0.47
N CYS A 212 -11.57 -2.68 0.52
CA CYS A 212 -12.68 -3.17 1.33
C CYS A 212 -13.91 -3.54 0.48
N TYR A 213 -14.11 -2.86 -0.65
CA TYR A 213 -15.25 -3.12 -1.52
C TYR A 213 -15.00 -4.20 -2.55
N LEU A 214 -13.81 -4.80 -2.58
CA LEU A 214 -13.44 -5.76 -3.63
C LEU A 214 -13.72 -7.19 -3.19
N ALA A 215 -14.31 -7.97 -4.08
CA ALA A 215 -14.62 -9.37 -3.83
C ALA A 215 -13.39 -10.25 -3.99
N PRO A 216 -13.39 -11.45 -3.38
CA PRO A 216 -12.17 -12.28 -3.43
C PRO A 216 -11.69 -12.63 -4.83
N GLU A 217 -12.61 -12.85 -5.78
CA GLU A 217 -12.21 -13.15 -7.16
C GLU A 217 -11.20 -12.14 -7.67
N ILE A 218 -11.40 -10.88 -7.32
CA ILE A 218 -10.62 -9.79 -7.90
C ILE A 218 -9.24 -9.71 -7.25
N VAL A 219 -9.19 -9.57 -5.92
CA VAL A 219 -7.93 -9.28 -5.24
C VAL A 219 -6.93 -10.42 -5.41
N ARG A 220 -7.39 -11.62 -5.74
CA ARG A 220 -6.45 -12.70 -6.02
C ARG A 220 -5.68 -12.45 -7.31
N GLU A 221 -6.29 -11.76 -8.28
CA GLU A 221 -5.65 -11.51 -9.56
C GLU A 221 -4.72 -10.31 -9.55
N MET A 222 -4.82 -9.44 -8.54
CA MET A 222 -3.94 -8.29 -8.48
C MET A 222 -2.49 -8.73 -8.33
N THR A 223 -1.60 -8.04 -9.02
CA THR A 223 -0.18 -8.33 -9.09
C THR A 223 0.44 -7.23 -9.95
N PRO A 224 1.64 -6.75 -9.63
CA PRO A 224 2.24 -5.67 -10.41
C PRO A 224 2.26 -5.96 -11.90
N GLY A 225 2.12 -4.91 -12.70
CA GLY A 225 2.08 -5.05 -14.14
C GLY A 225 0.74 -5.48 -14.69
N LYS A 226 -0.25 -5.71 -13.83
CA LYS A 226 -1.60 -6.04 -14.27
C LYS A 226 -2.46 -4.79 -14.16
N ASP A 227 -3.11 -4.43 -15.27
CA ASP A 227 -3.95 -3.24 -15.28
C ASP A 227 -5.31 -3.55 -14.67
N GLU A 228 -6.02 -2.49 -14.29
CA GLU A 228 -7.36 -2.66 -13.74
C GLU A 228 -8.33 -3.23 -14.76
N ASP A 229 -8.06 -3.02 -16.06
CA ASP A 229 -9.03 -3.46 -17.06
C ASP A 229 -9.07 -4.98 -17.18
N GLN A 230 -7.99 -5.67 -16.81
CA GLN A 230 -7.95 -7.12 -16.93
C GLN A 230 -8.59 -7.84 -15.74
N LEU A 231 -9.02 -7.11 -14.70
CA LEU A 231 -9.57 -7.73 -13.51
C LEU A 231 -10.99 -8.23 -13.75
N PRO A 232 -11.45 -9.22 -12.96
CA PRO A 232 -12.79 -9.81 -13.20
C PRO A 232 -13.92 -9.12 -12.44
N PHE A 233 -14.22 -7.89 -12.83
CA PHE A 233 -15.44 -7.27 -12.34
C PHE A 233 -16.65 -8.01 -12.92
N SER A 234 -17.79 -7.85 -12.26
CA SER A 234 -18.99 -8.61 -12.62
C SER A 234 -20.22 -8.17 -11.83
N LYS A 235 -21.38 -8.73 -12.16
CA LYS A 235 -22.59 -8.48 -11.39
C LYS A 235 -22.46 -8.99 -9.95
N ALA A 236 -21.87 -10.17 -9.77
CA ALA A 236 -21.66 -10.72 -8.43
C ALA A 236 -20.68 -9.86 -7.63
N ALA A 237 -19.59 -9.43 -8.25
CA ALA A 237 -18.67 -8.53 -7.56
C ALA A 237 -19.38 -7.24 -7.15
N ASP A 238 -20.32 -6.79 -7.97
CA ASP A 238 -21.10 -5.61 -7.62
C ASP A 238 -21.97 -5.85 -6.38
N VAL A 239 -22.58 -7.04 -6.27
CA VAL A 239 -23.37 -7.27 -5.06
C VAL A 239 -22.47 -7.46 -3.84
N TYR A 240 -21.23 -7.94 -4.02
CA TYR A 240 -20.29 -7.97 -2.89
C TYR A 240 -19.95 -6.55 -2.43
N ALA A 241 -19.68 -5.66 -3.39
CA ALA A 241 -19.45 -4.26 -3.02
C ALA A 241 -20.67 -3.66 -2.34
N PHE A 242 -21.87 -4.08 -2.74
CA PHE A 242 -23.06 -3.67 -2.00
C PHE A 242 -23.03 -4.21 -0.58
N GLY A 243 -22.50 -5.41 -0.40
CA GLY A 243 -22.35 -5.93 0.95
C GLY A 243 -21.49 -5.01 1.80
N THR A 244 -20.40 -4.51 1.23
CA THR A 244 -19.54 -3.62 2.00
C THR A 244 -20.25 -2.29 2.32
N VAL A 245 -21.00 -1.75 1.35
CA VAL A 245 -21.69 -0.48 1.66
C VAL A 245 -22.78 -0.70 2.72
N TRP A 246 -23.41 -1.88 2.74
CA TRP A 246 -24.38 -2.15 3.81
C TRP A 246 -23.69 -2.26 5.17
N TYR A 247 -22.54 -2.94 5.22
CA TYR A 247 -21.81 -2.98 6.47
C TYR A 247 -21.49 -1.57 6.95
N GLU A 248 -21.08 -0.70 6.04
CA GLU A 248 -20.83 0.69 6.41
C GLU A 248 -22.09 1.37 6.93
N LEU A 249 -23.26 1.01 6.38
CA LEU A 249 -24.51 1.53 6.92
C LEU A 249 -24.75 1.05 8.35
N GLN A 250 -24.29 -0.15 8.68
CA GLN A 250 -24.47 -0.66 10.04
C GLN A 250 -23.47 -0.04 11.01
N ALA A 251 -22.20 -0.01 10.63
CA ALA A 251 -21.10 0.25 11.58
C ALA A 251 -20.41 1.59 11.37
N ARG A 252 -20.77 2.33 10.32
CA ARG A 252 -20.19 3.65 10.05
C ARG A 252 -18.67 3.60 10.03
N ASP A 253 -18.11 2.54 9.45
CA ASP A 253 -16.67 2.43 9.27
C ASP A 253 -16.34 1.27 8.36
N TRP A 254 -15.06 1.17 8.01
CA TRP A 254 -14.53 0.05 7.26
C TRP A 254 -14.73 -1.26 8.04
N PRO A 255 -14.86 -2.38 7.34
CA PRO A 255 -14.86 -3.68 8.04
C PRO A 255 -13.47 -4.17 8.40
N LEU A 256 -12.43 -3.60 7.80
CA LEU A 256 -11.05 -3.92 8.11
C LEU A 256 -10.32 -2.63 8.40
N LYS A 257 -9.68 -2.56 9.56
CA LYS A 257 -8.96 -1.36 9.95
C LYS A 257 -7.73 -1.19 9.06
N ASN A 258 -7.38 0.07 8.80
CA ASN A 258 -6.27 0.40 7.93
C ASN A 258 -5.04 -0.42 8.30
N GLN A 259 -4.38 -0.98 7.28
CA GLN A 259 -3.29 -1.93 7.46
C GLN A 259 -2.55 -2.03 6.15
N ALA A 260 -1.42 -2.72 6.19
CA ALA A 260 -0.61 -2.92 4.98
C ALA A 260 -1.43 -3.65 3.91
N ALA A 261 -1.32 -3.18 2.67
CA ALA A 261 -2.19 -3.66 1.60
C ALA A 261 -2.01 -5.15 1.34
N GLU A 262 -0.80 -5.68 1.50
CA GLU A 262 -0.60 -7.12 1.35
C GLU A 262 -1.47 -7.89 2.32
N ALA A 263 -1.55 -7.42 3.56
CA ALA A 263 -2.43 -8.05 4.55
C ALA A 263 -3.88 -8.07 4.06
N SER A 264 -4.38 -6.93 3.61
CA SER A 264 -5.76 -6.87 3.11
C SER A 264 -5.96 -7.83 1.94
N ILE A 265 -4.98 -7.89 1.02
CA ILE A 265 -5.11 -8.79 -0.12
C ILE A 265 -5.27 -10.23 0.37
N TRP A 266 -4.43 -10.64 1.32
CA TRP A 266 -4.56 -12.03 1.77
C TRP A 266 -5.90 -12.24 2.47
N GLN A 267 -6.27 -11.33 3.38
CA GLN A 267 -7.46 -11.55 4.19
C GLN A 267 -8.72 -11.56 3.32
N ILE A 268 -8.74 -10.71 2.30
CA ILE A 268 -9.88 -10.62 1.41
C ILE A 268 -9.94 -11.84 0.50
N GLY A 269 -8.83 -12.17 -0.17
CA GLY A 269 -8.85 -13.24 -1.14
C GLY A 269 -8.86 -14.63 -0.56
N SER A 270 -8.51 -14.77 0.72
CA SER A 270 -8.65 -16.03 1.43
C SER A 270 -10.07 -16.27 1.92
N GLY A 271 -10.90 -15.22 1.93
CA GLY A 271 -12.19 -15.30 2.58
C GLY A 271 -12.13 -15.25 4.10
N GLU A 272 -10.95 -15.44 4.70
CA GLU A 272 -10.84 -15.46 6.15
C GLU A 272 -11.33 -14.16 6.78
N GLY A 273 -10.84 -13.02 6.26
CA GLY A 273 -11.12 -11.73 6.89
C GLY A 273 -12.60 -11.47 7.04
N MET A 274 -13.38 -11.82 6.02
CA MET A 274 -14.81 -11.58 6.06
C MET A 274 -15.54 -12.54 6.99
N LYS A 275 -15.05 -13.78 7.13
CA LYS A 275 -15.63 -14.67 8.15
C LYS A 275 -15.36 -14.12 9.55
N ARG A 276 -14.14 -13.61 9.78
CA ARG A 276 -13.83 -13.09 11.11
C ARG A 276 -14.61 -11.82 11.42
N VAL A 277 -14.84 -10.98 10.40
CA VAL A 277 -15.66 -9.79 10.69
C VAL A 277 -17.09 -10.22 11.02
N LEU A 278 -17.65 -11.18 10.26
CA LEU A 278 -18.98 -11.66 10.63
C LEU A 278 -18.99 -12.23 12.04
N THR A 279 -17.87 -12.76 12.51
CA THR A 279 -17.80 -13.27 13.88
C THR A 279 -17.79 -12.14 14.91
N SER A 280 -17.00 -11.08 14.66
CA SER A 280 -16.35 -10.36 15.75
C SER A 280 -17.31 -9.46 16.53
N VAL A 281 -18.14 -8.66 15.84
CA VAL A 281 -19.20 -7.88 16.47
C VAL A 281 -20.40 -7.93 15.54
N SER A 282 -21.54 -8.38 16.05
CA SER A 282 -22.71 -8.62 15.21
C SER A 282 -23.84 -7.63 15.48
N LEU A 283 -24.85 -7.72 14.61
CA LEU A 283 -25.67 -6.57 14.26
C LEU A 283 -27.14 -6.88 14.55
N GLY A 284 -27.80 -7.64 13.67
CA GLY A 284 -28.99 -8.39 14.01
C GLY A 284 -28.99 -9.55 13.06
N LYS A 285 -29.72 -10.60 13.43
CA LYS A 285 -29.66 -11.82 12.65
C LYS A 285 -30.12 -11.59 11.21
N GLU A 286 -31.28 -10.95 11.04
CA GLU A 286 -31.78 -10.67 9.71
C GLU A 286 -30.90 -9.68 8.97
N VAL A 287 -30.40 -8.67 9.69
CA VAL A 287 -29.40 -7.76 9.11
C VAL A 287 -28.19 -8.57 8.62
N SER A 288 -27.61 -9.38 9.50
CA SER A 288 -26.38 -10.08 9.17
C SER A 288 -26.56 -11.10 8.06
N GLU A 289 -27.78 -11.59 7.85
CA GLU A 289 -28.03 -12.53 6.76
C GLU A 289 -27.74 -11.88 5.41
N ILE A 290 -28.17 -10.64 5.23
CA ILE A 290 -27.90 -10.00 3.95
C ILE A 290 -26.39 -9.84 3.75
N LEU A 291 -25.66 -9.55 4.84
CA LEU A 291 -24.21 -9.35 4.71
C LEU A 291 -23.53 -10.65 4.31
N SER A 292 -23.87 -11.74 5.00
CA SER A 292 -23.29 -13.04 4.68
C SER A 292 -23.63 -13.47 3.26
N ALA A 293 -24.83 -13.11 2.78
CA ALA A 293 -25.19 -13.46 1.40
C ALA A 293 -24.35 -12.66 0.41
N CYS A 294 -24.23 -11.34 0.61
CA CYS A 294 -23.52 -10.51 -0.35
C CYS A 294 -22.02 -10.81 -0.36
N TRP A 295 -21.45 -11.09 0.82
CA TRP A 295 -20.02 -11.35 0.94
C TRP A 295 -19.64 -12.79 0.64
N ALA A 296 -20.60 -13.63 0.23
CA ALA A 296 -20.36 -15.06 0.03
C ALA A 296 -19.09 -15.31 -0.78
N PHE A 297 -18.23 -16.19 -0.24
CA PHE A 297 -16.92 -16.41 -0.84
C PHE A 297 -17.04 -16.87 -2.29
N ASP A 298 -17.80 -17.94 -2.52
CA ASP A 298 -18.13 -18.35 -3.88
C ASP A 298 -19.09 -17.33 -4.49
N LEU A 299 -18.68 -16.73 -5.61
CA LEU A 299 -19.46 -15.64 -6.18
C LEU A 299 -20.85 -16.10 -6.60
N GLN A 300 -20.96 -17.34 -7.08
CA GLN A 300 -22.23 -17.83 -7.61
C GLN A 300 -23.31 -17.94 -6.56
N GLU A 301 -22.95 -17.99 -5.27
CA GLU A 301 -23.94 -18.08 -4.22
C GLU A 301 -24.44 -16.71 -3.77
N ARG A 302 -23.95 -15.63 -4.39
CA ARG A 302 -24.36 -14.27 -4.08
C ARG A 302 -25.72 -13.97 -4.70
N PRO A 303 -26.57 -13.23 -4.00
CA PRO A 303 -27.92 -12.96 -4.53
C PRO A 303 -27.91 -11.93 -5.64
N SER A 304 -28.96 -11.97 -6.45
CA SER A 304 -29.24 -10.92 -7.41
C SER A 304 -29.75 -9.67 -6.68
N PHE A 305 -29.80 -8.56 -7.41
CA PHE A 305 -30.30 -7.33 -6.80
C PHE A 305 -31.81 -7.35 -6.64
N SER A 306 -32.53 -7.98 -7.57
CA SER A 306 -33.97 -8.16 -7.42
C SER A 306 -34.30 -8.92 -6.14
N LEU A 307 -33.60 -10.03 -5.89
CA LEU A 307 -33.79 -10.78 -4.65
C LEU A 307 -33.44 -9.92 -3.43
N LEU A 308 -32.38 -9.13 -3.54
CA LEU A 308 -31.94 -8.32 -2.41
C LEU A 308 -33.00 -7.30 -2.02
N MET A 309 -33.77 -6.80 -2.99
CA MET A 309 -34.91 -5.95 -2.65
C MET A 309 -35.85 -6.68 -1.68
N ASP A 310 -36.22 -7.92 -2.00
CA ASP A 310 -37.11 -8.68 -1.13
C ASP A 310 -36.50 -8.86 0.25
N MET A 311 -35.24 -9.29 0.29
CA MET A 311 -34.58 -9.51 1.58
C MET A 311 -34.61 -8.24 2.44
N LEU A 312 -34.33 -7.10 1.83
CA LEU A 312 -34.41 -5.84 2.57
C LEU A 312 -35.85 -5.50 2.97
N GLU A 313 -36.85 -6.03 2.27
CA GLU A 313 -38.23 -5.75 2.65
C GLU A 313 -38.62 -6.47 3.95
N LYS A 314 -38.34 -7.78 4.02
CA LYS A 314 -38.69 -8.53 5.22
C LYS A 314 -37.72 -8.26 6.36
N LEU A 315 -37.72 -7.03 6.85
CA LEU A 315 -36.87 -6.57 7.94
C LEU A 315 -37.73 -5.77 8.91
N PRO A 316 -37.26 -5.56 10.15
CA PRO A 316 -37.86 -4.68 11.15
C PRO A 316 -38.47 -3.39 10.59
N LEU B 31 23.99 0.15 27.36
CA LEU B 31 23.68 -0.18 25.97
C LEU B 31 24.93 -0.67 25.23
N GLU B 32 26.02 -0.92 25.97
CA GLU B 32 27.25 -1.46 25.38
C GLU B 32 27.75 -0.54 24.26
N LEU B 33 27.78 0.75 24.56
CA LEU B 33 28.20 1.72 23.54
C LEU B 33 29.71 1.83 23.60
N ASP B 34 30.38 1.28 22.59
CA ASP B 34 31.82 1.35 22.39
C ASP B 34 32.27 2.83 22.31
N GLU B 35 33.58 3.07 22.46
CA GLU B 35 34.06 4.44 22.50
C GLU B 35 34.37 4.95 21.06
N GLN B 36 35.00 4.09 20.26
CA GLN B 36 35.06 4.26 18.81
C GLN B 36 33.72 4.75 18.28
N GLN B 37 32.67 4.04 18.70
CA GLN B 37 31.32 4.33 18.26
C GLN B 37 30.84 5.67 18.78
N ARG B 38 31.09 5.96 20.06
CA ARG B 38 30.62 7.22 20.63
C ARG B 38 31.36 8.43 20.07
N LYS B 39 32.56 8.22 19.52
CA LYS B 39 33.31 9.33 18.95
C LYS B 39 33.02 9.56 17.48
N ARG B 40 32.49 8.55 16.77
CA ARG B 40 31.89 8.93 15.49
C ARG B 40 30.43 9.30 15.61
N LEU B 41 29.77 8.98 16.72
CA LEU B 41 28.46 9.55 17.00
C LEU B 41 28.58 11.02 17.37
N GLU B 42 29.56 11.34 18.23
CA GLU B 42 29.78 12.74 18.60
C GLU B 42 30.17 13.56 17.39
N ALA B 43 31.00 13.00 16.51
CA ALA B 43 31.52 13.76 15.37
C ALA B 43 30.40 14.19 14.43
N PHE B 44 29.33 13.40 14.34
CA PHE B 44 28.27 13.69 13.39
C PHE B 44 27.10 14.45 14.01
N LEU B 45 26.95 14.43 15.33
CA LEU B 45 25.99 15.31 15.98
C LEU B 45 26.50 16.75 16.01
N THR B 46 27.81 16.93 16.18
CA THR B 46 28.35 18.28 16.16
C THR B 46 28.59 18.77 14.74
N GLN B 47 28.87 17.86 13.81
CA GLN B 47 28.76 18.21 12.39
C GLN B 47 27.32 18.50 12.01
N LYS B 48 26.35 18.06 12.83
CA LYS B 48 24.94 18.27 12.51
C LYS B 48 24.53 19.73 12.68
N GLN B 49 25.03 20.42 13.70
CA GLN B 49 24.67 21.82 13.85
C GLN B 49 25.58 22.73 13.02
N LYS B 50 26.72 22.20 12.57
CA LYS B 50 27.53 22.95 11.62
C LYS B 50 26.86 23.16 10.27
N VAL B 51 26.05 22.21 9.83
CA VAL B 51 25.30 22.41 8.59
C VAL B 51 24.03 23.24 8.84
N GLY B 52 23.52 23.23 10.06
CA GLY B 52 22.46 24.16 10.44
C GLY B 52 21.12 23.73 9.93
N GLU B 53 20.43 24.66 9.27
CA GLU B 53 19.11 24.40 8.72
C GLU B 53 19.19 24.22 7.21
N LEU B 54 18.00 24.18 6.59
CA LEU B 54 17.73 23.30 5.46
C LEU B 54 16.73 23.96 4.52
N LYS B 55 16.98 23.86 3.21
CA LYS B 55 15.97 24.15 2.21
C LYS B 55 16.47 23.73 0.83
N ASP B 56 15.51 23.61 -0.10
CA ASP B 56 15.69 22.85 -1.34
C ASP B 56 16.95 23.25 -2.10
N ASP B 57 17.07 24.54 -2.42
CA ASP B 57 18.14 24.98 -3.31
C ASP B 57 19.51 24.99 -2.64
N ASP B 58 19.60 24.61 -1.36
CA ASP B 58 20.91 24.36 -0.76
C ASP B 58 21.57 23.14 -1.39
N PHE B 59 20.76 22.26 -1.99
CA PHE B 59 21.21 20.96 -2.48
C PHE B 59 21.35 20.95 -3.99
N GLU B 60 22.04 19.93 -4.48
CA GLU B 60 22.29 19.76 -5.91
C GLU B 60 22.54 18.29 -6.23
N LYS B 61 21.93 17.83 -7.33
CA LYS B 61 21.90 16.41 -7.71
C LYS B 61 23.30 15.87 -7.97
N ILE B 62 23.42 14.53 -7.93
CA ILE B 62 24.60 13.85 -8.47
C ILE B 62 24.21 12.71 -9.41
N SER B 63 23.51 11.69 -8.91
CA SER B 63 23.16 10.53 -9.73
C SER B 63 22.01 9.78 -9.08
N GLU B 64 21.57 8.70 -9.74
CA GLU B 64 20.34 7.98 -9.36
C GLU B 64 20.66 6.88 -8.35
N LEU B 65 20.29 7.11 -7.09
CA LEU B 65 20.42 6.07 -6.08
C LEU B 65 19.29 5.05 -6.18
N GLY B 66 18.04 5.52 -6.25
CA GLY B 66 16.98 4.60 -6.62
C GLY B 66 15.59 5.06 -6.22
N ALA B 67 14.65 4.12 -6.32
CA ALA B 67 13.24 4.41 -6.10
C ALA B 67 12.52 3.17 -5.56
N GLY B 68 11.53 3.41 -4.72
CA GLY B 68 10.70 2.36 -4.17
C GLY B 68 9.70 2.91 -3.19
N ASN B 69 8.62 2.14 -3.00
CA ASN B 69 7.52 2.42 -2.08
C ASN B 69 7.05 3.88 -2.14
N GLY B 70 6.88 4.39 -3.35
CA GLY B 70 6.41 5.75 -3.50
C GLY B 70 7.45 6.82 -3.34
N GLY B 71 8.73 6.53 -3.58
CA GLY B 71 9.72 7.56 -3.39
C GLY B 71 10.98 7.32 -4.17
N VAL B 72 11.75 8.41 -4.36
CA VAL B 72 13.06 8.36 -4.99
C VAL B 72 14.06 9.07 -4.08
N VAL B 73 15.28 8.54 -4.04
CA VAL B 73 16.35 9.08 -3.22
C VAL B 73 17.60 9.21 -4.09
N PHE B 74 18.30 10.35 -3.90
CA PHE B 74 19.38 10.78 -4.77
C PHE B 74 20.54 11.29 -3.93
N LYS B 75 21.74 11.02 -4.41
CA LYS B 75 22.94 11.60 -3.84
C LYS B 75 22.95 13.09 -4.13
N VAL B 76 23.26 13.87 -3.10
CA VAL B 76 23.07 15.31 -3.12
C VAL B 76 24.32 15.94 -2.53
N SER B 77 24.63 17.15 -2.96
CA SER B 77 25.58 17.99 -2.24
C SER B 77 24.89 19.22 -1.64
N HIS B 78 25.05 19.39 -0.32
CA HIS B 78 24.59 20.60 0.35
C HIS B 78 25.64 21.70 0.16
N LYS B 79 25.18 22.90 -0.19
CA LYS B 79 26.13 23.90 -0.65
C LYS B 79 26.82 24.64 0.51
N PRO B 80 26.08 25.10 1.56
CA PRO B 80 26.78 25.68 2.72
C PRO B 80 27.87 24.77 3.28
N SER B 81 27.63 23.45 3.28
CA SER B 81 28.52 22.48 3.90
C SER B 81 28.87 21.43 2.87
N GLY B 82 30.10 21.42 2.35
CA GLY B 82 30.51 20.56 1.25
C GLY B 82 30.09 19.10 1.30
N LEU B 83 29.59 18.68 2.46
CA LEU B 83 29.14 17.31 2.68
C LEU B 83 28.21 16.82 1.58
N VAL B 84 28.38 15.56 1.21
CA VAL B 84 27.47 14.87 0.32
C VAL B 84 26.49 14.06 1.17
N MET B 85 25.21 14.26 0.95
CA MET B 85 24.17 13.58 1.71
C MET B 85 23.28 12.77 0.77
N ALA B 86 22.31 12.05 1.34
CA ALA B 86 21.33 11.34 0.55
C ALA B 86 19.94 11.90 0.89
N ARG B 87 19.21 12.34 -0.14
CA ARG B 87 17.91 12.97 0.06
C ARG B 87 16.79 12.06 -0.43
N LYS B 88 15.78 11.87 0.42
CA LYS B 88 14.59 11.06 0.15
C LYS B 88 13.42 12.00 -0.11
N LEU B 89 12.95 12.04 -1.36
CA LEU B 89 11.74 12.76 -1.73
C LEU B 89 10.61 11.76 -2.01
N ILE B 90 9.47 12.02 -1.36
CA ILE B 90 8.22 11.33 -1.66
C ILE B 90 7.08 12.36 -1.79
N HIS B 91 6.17 12.09 -2.73
CA HIS B 91 5.26 13.08 -3.31
C HIS B 91 3.83 12.84 -2.82
N LEU B 92 3.35 13.75 -1.98
CA LEU B 92 2.07 13.53 -1.28
C LEU B 92 1.24 14.81 -1.27
N GLU B 93 0.39 14.96 -2.28
CA GLU B 93 -0.71 15.92 -2.23
C GLU B 93 -1.82 15.35 -1.36
N ILE B 94 -1.98 15.88 -0.14
CA ILE B 94 -3.16 15.66 0.71
C ILE B 94 -3.38 16.90 1.56
N LYS B 95 -4.45 16.89 2.34
CA LYS B 95 -4.83 18.02 3.18
C LYS B 95 -3.68 18.40 4.12
N PRO B 96 -3.32 19.68 4.20
CA PRO B 96 -2.06 20.07 4.89
C PRO B 96 -1.99 19.74 6.38
N ALA B 97 -3.13 19.61 7.07
CA ALA B 97 -3.09 19.34 8.51
C ALA B 97 -2.30 18.08 8.81
N ILE B 98 -2.63 16.98 8.12
CA ILE B 98 -1.90 15.74 8.35
C ILE B 98 -0.48 15.82 7.80
N ARG B 99 -0.24 16.68 6.80
CA ARG B 99 1.13 16.87 6.31
C ARG B 99 2.02 17.42 7.41
N ASN B 100 1.52 18.40 8.17
CA ASN B 100 2.33 18.92 9.26
C ASN B 100 2.38 17.96 10.44
N GLN B 101 1.31 17.20 10.70
CA GLN B 101 1.43 16.15 11.70
C GLN B 101 2.55 15.17 11.32
N ILE B 102 2.67 14.88 10.03
CA ILE B 102 3.72 13.96 9.57
C ILE B 102 5.09 14.55 9.83
N ILE B 103 5.30 15.81 9.44
CA ILE B 103 6.63 16.40 9.62
C ILE B 103 7.00 16.44 11.10
N ARG B 104 6.03 16.77 11.97
CA ARG B 104 6.37 16.85 13.39
C ARG B 104 6.59 15.47 14.02
N GLU B 105 5.86 14.44 13.55
CA GLU B 105 6.15 13.08 14.02
C GLU B 105 7.49 12.60 13.50
N LEU B 106 7.88 13.05 12.31
CA LEU B 106 9.12 12.59 11.71
C LEU B 106 10.34 13.26 12.34
N GLN B 107 10.19 14.47 12.88
CA GLN B 107 11.33 15.10 13.54
C GLN B 107 11.89 14.31 14.71
N VAL B 108 11.17 13.30 15.23
CA VAL B 108 11.69 12.48 16.31
C VAL B 108 12.93 11.72 15.86
N LEU B 109 13.09 11.53 14.54
CA LEU B 109 14.35 11.01 13.99
C LEU B 109 15.57 11.75 14.56
N HIS B 110 15.39 12.98 15.04
CA HIS B 110 16.51 13.70 15.64
C HIS B 110 16.96 13.07 16.94
N GLU B 111 16.04 12.43 17.68
CA GLU B 111 16.41 11.76 18.92
C GLU B 111 16.99 10.37 18.68
N CYS B 112 16.75 9.77 17.52
CA CYS B 112 17.14 8.40 17.22
C CYS B 112 18.58 8.39 16.71
N ASN B 113 19.53 7.98 17.54
CA ASN B 113 20.94 8.01 17.12
C ASN B 113 21.70 6.86 17.76
N SER B 114 22.14 5.93 16.91
CA SER B 114 22.87 4.74 17.30
C SER B 114 23.85 4.43 16.18
N PRO B 115 24.96 3.73 16.48
CA PRO B 115 25.89 3.35 15.41
C PRO B 115 25.28 2.40 14.40
N TYR B 116 24.04 1.98 14.63
CA TYR B 116 23.38 1.02 13.73
C TYR B 116 22.11 1.57 13.10
N ILE B 117 21.85 2.87 13.19
CA ILE B 117 20.71 3.50 12.51
C ILE B 117 21.23 4.71 11.75
N VAL B 118 20.81 4.85 10.48
CA VAL B 118 21.40 5.84 9.58
C VAL B 118 21.40 7.22 10.23
N GLY B 119 22.50 7.94 10.04
CA GLY B 119 22.59 9.31 10.50
C GLY B 119 21.53 10.17 9.87
N PHE B 120 20.64 10.68 10.69
CA PHE B 120 19.56 11.55 10.25
C PHE B 120 19.96 13.00 10.49
N TYR B 121 19.61 13.88 9.55
CA TYR B 121 19.97 15.28 9.66
C TYR B 121 18.74 16.17 9.73
N GLY B 122 17.80 16.05 8.79
CA GLY B 122 16.65 16.94 8.81
C GLY B 122 15.49 16.42 7.99
N ALA B 123 14.31 16.98 8.28
CA ALA B 123 13.06 16.63 7.60
C ALA B 123 12.31 17.90 7.27
N PHE B 124 11.90 18.04 6.01
CA PHE B 124 11.14 19.26 5.71
C PHE B 124 10.14 19.06 4.59
N TYR B 125 9.17 19.97 4.59
CA TYR B 125 8.15 20.06 3.57
C TYR B 125 8.58 21.07 2.51
N SER B 126 8.42 20.70 1.25
CA SER B 126 8.77 21.58 0.14
C SER B 126 8.02 21.09 -1.09
N ASP B 127 7.18 21.95 -1.66
CA ASP B 127 6.47 21.67 -2.91
C ASP B 127 5.46 20.53 -2.72
N GLY B 128 5.03 20.28 -1.48
CA GLY B 128 4.20 19.11 -1.25
C GLY B 128 4.95 17.83 -1.50
N GLU B 129 6.26 17.84 -1.25
CA GLU B 129 7.13 16.68 -1.42
C GLU B 129 7.99 16.58 -0.17
N ILE B 130 7.70 15.61 0.70
CA ILE B 130 8.48 15.50 1.91
C ILE B 130 9.89 15.03 1.56
N SER B 131 10.89 15.69 2.14
CA SER B 131 12.28 15.32 1.97
C SER B 131 12.91 15.01 3.31
N ILE B 132 13.61 13.89 3.35
CA ILE B 132 14.41 13.44 4.49
C ILE B 132 15.87 13.46 4.06
N CYS B 133 16.70 14.19 4.80
CA CYS B 133 18.13 14.25 4.49
C CYS B 133 18.87 13.35 5.48
N MET B 134 19.65 12.40 4.95
CA MET B 134 20.31 11.42 5.79
C MET B 134 21.75 11.21 5.31
N GLU B 135 22.50 10.48 6.14
CA GLU B 135 23.81 9.98 5.76
C GLU B 135 23.78 9.38 4.37
N HIS B 136 24.84 9.61 3.60
CA HIS B 136 25.08 8.82 2.42
C HIS B 136 25.89 7.60 2.81
N MET B 137 25.44 6.43 2.36
CA MET B 137 26.10 5.16 2.66
C MET B 137 26.80 4.69 1.39
N ASP B 138 28.12 4.57 1.47
CA ASP B 138 28.95 4.39 0.26
C ASP B 138 28.50 3.18 -0.56
N GLY B 139 28.20 2.07 0.11
CA GLY B 139 27.91 0.83 -0.58
C GLY B 139 26.44 0.54 -0.84
N GLY B 140 25.54 1.43 -0.44
CA GLY B 140 24.13 1.21 -0.72
C GLY B 140 23.54 0.11 0.13
N SER B 141 22.52 -0.55 -0.42
CA SER B 141 21.75 -1.54 0.32
C SER B 141 22.27 -2.95 0.06
N LEU B 142 22.15 -3.81 1.08
CA LEU B 142 22.55 -5.20 0.94
C LEU B 142 21.81 -5.90 -0.19
N ASP B 143 20.67 -5.34 -0.62
CA ASP B 143 20.05 -5.79 -1.87
C ASP B 143 20.94 -5.44 -3.07
N GLN B 144 21.36 -4.17 -3.14
CA GLN B 144 22.31 -3.76 -4.17
C GLN B 144 23.60 -4.58 -4.07
N VAL B 145 24.20 -4.62 -2.87
CA VAL B 145 25.39 -5.43 -2.58
C VAL B 145 25.18 -6.84 -3.12
N LEU B 146 23.99 -7.38 -2.89
CA LEU B 146 23.72 -8.78 -3.21
C LEU B 146 23.73 -9.03 -4.71
N LYS B 147 23.07 -8.17 -5.49
CA LYS B 147 23.00 -8.48 -6.93
C LYS B 147 24.39 -8.55 -7.56
N LYS B 148 25.30 -7.65 -7.20
CA LYS B 148 26.65 -7.75 -7.73
C LYS B 148 27.40 -8.91 -7.08
N ALA B 149 27.17 -9.14 -5.78
CA ALA B 149 27.92 -10.16 -5.08
C ALA B 149 27.39 -11.57 -5.37
N GLY B 150 26.11 -11.68 -5.74
CA GLY B 150 25.52 -12.96 -6.08
C GLY B 150 25.07 -13.76 -4.87
N ARG B 151 25.99 -14.02 -3.96
CA ARG B 151 25.69 -14.62 -2.68
C ARG B 151 26.50 -13.89 -1.62
N ILE B 152 26.04 -13.97 -0.38
CA ILE B 152 26.73 -13.36 0.76
C ILE B 152 27.23 -14.49 1.66
N PRO B 153 28.52 -14.54 2.00
CA PRO B 153 29.04 -15.64 2.82
C PRO B 153 28.43 -15.63 4.22
N GLU B 154 28.64 -16.75 4.93
CA GLU B 154 28.09 -16.86 6.28
C GLU B 154 28.88 -16.03 7.29
N GLN B 155 30.22 -16.10 7.19
CA GLN B 155 31.11 -15.32 8.05
C GLN B 155 30.60 -13.90 8.25
N ILE B 156 30.00 -13.35 7.22
CA ILE B 156 29.69 -11.93 7.16
C ILE B 156 28.25 -11.66 7.56
N LEU B 157 27.38 -12.58 7.17
CA LEU B 157 26.00 -12.54 7.58
C LEU B 157 25.87 -12.60 9.09
N GLY B 158 26.83 -13.25 9.77
CA GLY B 158 26.89 -13.14 11.21
C GLY B 158 26.93 -11.70 11.69
N LYS B 159 27.85 -10.91 11.11
CA LYS B 159 28.01 -9.52 11.53
C LYS B 159 26.78 -8.69 11.21
N VAL B 160 26.19 -8.88 10.03
CA VAL B 160 24.99 -8.10 9.71
C VAL B 160 23.84 -8.47 10.64
N SER B 161 23.75 -9.75 11.03
CA SER B 161 22.70 -10.18 11.96
C SER B 161 22.86 -9.49 13.30
N ILE B 162 24.09 -9.46 13.84
CA ILE B 162 24.32 -8.74 15.09
C ILE B 162 23.91 -7.28 14.95
N ALA B 163 24.31 -6.64 13.86
CA ALA B 163 23.97 -5.24 13.64
C ALA B 163 22.45 -5.02 13.67
N VAL B 164 21.70 -5.93 13.04
CA VAL B 164 20.24 -5.74 12.95
C VAL B 164 19.59 -5.93 14.31
N ILE B 165 19.99 -6.98 15.05
CA ILE B 165 19.38 -7.16 16.37
C ILE B 165 19.71 -5.96 17.26
N LYS B 166 20.93 -5.42 17.15
CA LYS B 166 21.27 -4.25 17.96
C LYS B 166 20.39 -3.06 17.59
N GLY B 167 20.21 -2.81 16.29
CA GLY B 167 19.37 -1.71 15.87
C GLY B 167 17.93 -1.87 16.36
N LEU B 168 17.40 -3.09 16.24
CA LEU B 168 16.01 -3.32 16.62
C LEU B 168 15.81 -3.19 18.13
N THR B 169 16.77 -3.68 18.93
CA THR B 169 16.67 -3.54 20.37
C THR B 169 16.83 -2.09 20.80
N TYR B 170 17.83 -1.40 20.25
CA TYR B 170 17.97 0.03 20.47
C TYR B 170 16.64 0.74 20.22
N LEU B 171 15.99 0.38 19.11
CA LEU B 171 14.76 1.03 18.71
C LEU B 171 13.61 0.70 19.67
N ARG B 172 13.50 -0.56 20.07
CA ARG B 172 12.38 -0.98 20.93
C ARG B 172 12.54 -0.45 22.34
N GLU B 173 13.77 -0.40 22.85
CA GLU B 173 13.98 0.03 24.23
C GLU B 173 13.95 1.55 24.36
N LYS B 174 14.55 2.26 23.41
CA LYS B 174 14.83 3.67 23.62
C LYS B 174 13.64 4.55 23.25
N HIS B 175 12.98 4.28 22.12
CA HIS B 175 11.79 5.04 21.73
C HIS B 175 10.49 4.24 21.70
N LYS B 176 10.52 2.93 21.97
CA LYS B 176 9.33 2.09 22.00
C LYS B 176 8.63 2.06 20.64
N ILE B 177 9.40 1.80 19.60
CA ILE B 177 8.85 1.64 18.26
C ILE B 177 9.24 0.26 17.74
N MET B 178 8.60 -0.15 16.64
CA MET B 178 9.07 -1.28 15.86
C MET B 178 9.32 -0.82 14.43
N HIS B 179 10.08 -1.65 13.69
CA HIS B 179 10.63 -1.22 12.41
C HIS B 179 9.57 -1.28 11.29
N ARG B 180 8.89 -2.42 11.16
CA ARG B 180 7.74 -2.65 10.28
C ARG B 180 8.11 -2.81 8.82
N ASP B 181 9.38 -2.70 8.45
CA ASP B 181 9.76 -2.82 7.04
C ASP B 181 11.19 -3.29 6.87
N VAL B 182 11.48 -4.51 7.32
CA VAL B 182 12.83 -5.07 7.31
C VAL B 182 13.01 -5.90 6.03
N LYS B 183 14.00 -5.54 5.23
CA LYS B 183 14.32 -6.26 4.01
C LYS B 183 15.71 -5.82 3.55
N PRO B 184 16.38 -6.62 2.70
CA PRO B 184 17.78 -6.30 2.36
C PRO B 184 17.99 -4.90 1.83
N SER B 185 17.03 -4.36 1.08
CA SER B 185 17.15 -3.00 0.54
C SER B 185 17.11 -1.94 1.64
N ASN B 186 16.89 -2.33 2.90
CA ASN B 186 16.88 -1.41 4.02
C ASN B 186 18.02 -1.67 5.00
N ILE B 187 19.04 -2.40 4.57
CA ILE B 187 20.28 -2.56 5.32
C ILE B 187 21.37 -1.89 4.52
N LEU B 188 22.03 -0.88 5.12
CA LEU B 188 22.95 0.00 4.41
C LEU B 188 24.35 -0.14 4.98
N VAL B 189 25.33 -0.09 4.07
CA VAL B 189 26.72 -0.43 4.32
C VAL B 189 27.61 0.69 3.78
N ASN B 190 28.74 0.91 4.45
CA ASN B 190 29.70 1.90 3.98
C ASN B 190 31.10 1.31 3.99
N SER B 191 32.02 1.99 3.29
CA SER B 191 33.39 1.51 3.20
C SER B 191 34.14 1.66 4.52
N ARG B 192 33.64 2.49 5.44
CA ARG B 192 34.19 2.55 6.79
C ARG B 192 33.77 1.33 7.62
N GLY B 193 32.87 0.50 7.10
CA GLY B 193 32.61 -0.80 7.69
C GLY B 193 31.45 -0.87 8.63
N GLU B 194 30.61 0.15 8.69
CA GLU B 194 29.44 0.13 9.56
C GLU B 194 28.25 -0.49 8.84
N ILE B 195 27.26 -0.92 9.63
CA ILE B 195 25.98 -1.42 9.13
C ILE B 195 24.87 -0.69 9.87
N LYS B 196 23.92 -0.11 9.12
CA LYS B 196 22.78 0.51 9.78
C LYS B 196 21.49 0.36 8.97
N LEU B 197 20.36 0.50 9.68
CA LEU B 197 19.04 0.30 9.12
C LEU B 197 18.40 1.64 8.77
N CYS B 198 17.75 1.68 7.62
CA CYS B 198 17.03 2.87 7.17
C CYS B 198 15.55 2.57 6.99
N ASP B 199 14.77 3.64 6.91
CA ASP B 199 13.33 3.59 6.60
C ASP B 199 12.52 2.83 7.63
N PHE B 200 12.89 2.92 8.90
CA PHE B 200 12.07 2.32 9.94
C PHE B 200 10.82 3.18 10.16
N GLY B 201 9.76 2.53 10.65
CA GLY B 201 8.47 3.17 10.83
C GLY B 201 8.41 4.16 11.99
N VAL B 202 8.88 5.38 11.77
CA VAL B 202 8.91 6.38 12.81
C VAL B 202 7.57 7.11 12.93
N SER B 203 6.89 7.38 11.82
CA SER B 203 5.66 8.16 11.79
C SER B 203 4.46 7.23 11.58
N GLY B 204 3.45 7.37 12.43
CA GLY B 204 2.23 6.60 12.27
C GLY B 204 1.36 7.16 11.16
N GLN B 205 1.29 8.49 11.08
CA GLN B 205 0.45 9.14 10.08
C GLN B 205 0.92 8.80 8.66
N LEU B 206 2.23 8.89 8.42
CA LEU B 206 2.76 8.55 7.10
C LEU B 206 2.52 7.08 6.76
N ILE B 207 2.48 6.21 7.77
CA ILE B 207 2.21 4.80 7.53
C ILE B 207 0.75 4.61 7.12
N ASP B 208 -0.18 5.23 7.85
CA ASP B 208 -1.59 5.01 7.56
C ASP B 208 -2.02 5.72 6.29
N SER B 209 -1.37 6.83 5.95
CA SER B 209 -1.82 7.64 4.82
C SER B 209 -1.13 7.30 3.51
N MET B 210 0.09 6.73 3.55
CA MET B 210 0.77 6.41 2.30
C MET B 210 1.40 5.02 2.30
N ALA B 211 2.27 4.75 3.28
CA ALA B 211 3.15 3.59 3.21
C ALA B 211 2.38 2.27 3.11
N ASN B 212 1.17 2.21 3.68
CA ASN B 212 0.44 0.95 3.73
C ASN B 212 -0.04 0.50 2.36
N SER B 213 -0.35 1.44 1.47
CA SER B 213 -1.07 1.12 0.24
C SER B 213 -0.23 0.40 -0.81
N PHE B 214 1.08 0.32 -0.62
CA PHE B 214 1.94 -0.29 -1.62
C PHE B 214 2.06 -1.78 -1.38
N VAL B 215 2.07 -2.53 -2.48
CA VAL B 215 2.42 -3.94 -2.48
C VAL B 215 3.38 -4.19 -3.64
N GLY B 216 4.53 -4.77 -3.32
CA GLY B 216 5.53 -5.07 -4.33
C GLY B 216 5.35 -6.44 -4.94
N THR B 217 6.42 -6.94 -5.55
CA THR B 217 6.41 -8.24 -6.19
C THR B 217 6.87 -9.35 -5.25
N ARG B 218 7.55 -9.01 -4.16
CA ARG B 218 7.95 -9.94 -3.11
C ARG B 218 7.26 -9.55 -1.81
N SER B 219 7.25 -10.44 -0.83
CA SER B 219 6.69 -10.13 0.48
C SER B 219 7.63 -10.59 1.60
N TYR B 220 7.89 -9.68 2.54
CA TYR B 220 8.68 -9.98 3.73
C TYR B 220 7.85 -9.92 4.99
N MET B 221 6.52 -9.98 4.88
CA MET B 221 5.66 -9.80 6.03
C MET B 221 5.42 -11.12 6.74
N SER B 222 5.40 -11.07 8.07
CA SER B 222 5.19 -12.24 8.89
C SER B 222 3.82 -12.85 8.61
N PRO B 223 3.63 -14.12 8.95
CA PRO B 223 2.30 -14.72 8.76
C PRO B 223 1.25 -14.18 9.70
N GLU B 224 1.63 -13.58 10.83
CA GLU B 224 0.64 -13.02 11.74
C GLU B 224 0.30 -11.58 11.40
N ARG B 225 1.16 -10.87 10.68
CA ARG B 225 0.76 -9.58 10.14
C ARG B 225 -0.18 -9.76 8.95
N LEU B 226 0.05 -10.79 8.13
CA LEU B 226 -0.78 -10.98 6.94
C LEU B 226 -2.22 -11.33 7.30
N GLN B 227 -2.44 -11.99 8.43
CA GLN B 227 -3.78 -12.28 8.91
C GLN B 227 -4.33 -11.21 9.83
N GLY B 228 -3.61 -10.10 10.00
CA GLY B 228 -4.15 -8.91 10.63
C GLY B 228 -4.32 -8.96 12.13
N THR B 229 -3.73 -9.93 12.81
CA THR B 229 -3.75 -9.90 14.26
C THR B 229 -2.86 -8.76 14.77
N HIS B 230 -2.85 -8.56 16.09
CA HIS B 230 -1.84 -7.67 16.64
C HIS B 230 -0.48 -8.31 16.44
N TYR B 231 0.46 -7.56 15.86
CA TYR B 231 1.82 -8.03 15.71
C TYR B 231 2.73 -7.24 16.64
N SER B 232 3.98 -7.69 16.74
CA SER B 232 4.97 -7.05 17.60
C SER B 232 6.29 -7.03 16.84
N VAL B 233 7.37 -6.76 17.57
CA VAL B 233 8.72 -6.87 17.01
C VAL B 233 8.99 -8.29 16.51
N GLN B 234 8.21 -9.27 16.97
CA GLN B 234 8.29 -10.63 16.45
C GLN B 234 8.20 -10.65 14.92
N SER B 235 7.27 -9.88 14.36
CA SER B 235 7.16 -9.75 12.91
C SER B 235 8.49 -9.32 12.28
N ASP B 236 9.23 -8.46 12.98
CA ASP B 236 10.53 -8.03 12.48
C ASP B 236 11.56 -9.14 12.55
N ILE B 237 11.52 -9.96 13.61
CA ILE B 237 12.38 -11.14 13.65
C ILE B 237 12.12 -12.00 12.42
N TRP B 238 10.85 -12.19 12.06
CA TRP B 238 10.52 -13.00 10.89
C TRP B 238 11.11 -12.37 9.62
N SER B 239 10.89 -11.06 9.44
CA SER B 239 11.39 -10.40 8.24
C SER B 239 12.90 -10.56 8.12
N MET B 240 13.62 -10.38 9.23
CA MET B 240 15.06 -10.54 9.23
C MET B 240 15.47 -11.96 8.87
N GLY B 241 14.74 -12.96 9.37
CA GLY B 241 15.07 -14.34 9.03
C GLY B 241 14.94 -14.61 7.54
N LEU B 242 13.83 -14.19 6.95
CA LEU B 242 13.64 -14.36 5.51
C LEU B 242 14.74 -13.63 4.73
N SER B 243 15.12 -12.43 5.20
CA SER B 243 16.17 -11.68 4.53
C SER B 243 17.51 -12.41 4.60
N LEU B 244 17.81 -13.00 5.76
CA LEU B 244 19.07 -13.74 5.89
C LEU B 244 19.10 -14.94 4.95
N VAL B 245 17.96 -15.63 4.80
CA VAL B 245 17.93 -16.71 3.81
C VAL B 245 18.20 -16.18 2.41
N GLU B 246 17.48 -15.11 2.02
CA GLU B 246 17.65 -14.57 0.67
C GLU B 246 19.11 -14.22 0.40
N MET B 247 19.75 -13.51 1.33
CA MET B 247 21.14 -13.12 1.10
C MET B 247 22.09 -14.33 1.15
N ALA B 248 21.76 -15.35 1.94
CA ALA B 248 22.66 -16.48 2.08
C ALA B 248 22.66 -17.35 0.82
N VAL B 249 21.51 -17.50 0.17
CA VAL B 249 21.41 -18.36 -1.00
C VAL B 249 21.26 -17.59 -2.31
N GLY B 250 21.13 -16.26 -2.26
CA GLY B 250 21.10 -15.45 -3.46
C GLY B 250 19.76 -15.34 -4.15
N ARG B 251 18.73 -16.01 -3.65
CA ARG B 251 17.42 -16.06 -4.28
C ARG B 251 16.36 -15.77 -3.24
N TYR B 252 15.33 -15.01 -3.63
CA TYR B 252 14.20 -14.83 -2.75
C TYR B 252 13.63 -16.21 -2.40
N PRO B 253 13.48 -16.54 -1.12
CA PRO B 253 13.43 -17.96 -0.73
C PRO B 253 12.09 -18.66 -0.90
N ILE B 254 10.97 -17.96 -1.02
CA ILE B 254 9.73 -18.66 -1.26
C ILE B 254 9.18 -18.28 -2.63
N PRO B 255 8.67 -19.24 -3.41
CA PRO B 255 8.61 -20.65 -3.02
C PRO B 255 10.00 -21.30 -3.04
N PRO B 256 10.21 -22.30 -2.18
CA PRO B 256 11.52 -22.92 -2.05
C PRO B 256 12.06 -23.36 -3.41
N PRO B 257 13.35 -23.20 -3.62
CA PRO B 257 13.94 -23.62 -4.90
C PRO B 257 13.71 -25.09 -5.14
N ASP B 258 13.60 -25.45 -6.42
CA ASP B 258 13.43 -26.87 -6.73
C ASP B 258 14.78 -27.57 -6.64
N ALA B 259 14.72 -28.90 -6.50
CA ALA B 259 15.89 -29.68 -6.13
C ALA B 259 17.05 -29.47 -7.12
N LYS B 260 16.75 -29.41 -8.42
CA LYS B 260 17.85 -29.20 -9.36
C LYS B 260 18.30 -27.75 -9.37
N GLU B 261 17.38 -26.81 -9.16
CA GLU B 261 17.75 -25.41 -9.10
C GLU B 261 18.71 -25.14 -7.95
N LEU B 262 18.62 -25.92 -6.88
CA LEU B 262 19.49 -25.72 -5.73
C LEU B 262 20.94 -26.01 -6.07
N GLU B 263 21.20 -27.02 -6.91
CA GLU B 263 22.57 -27.38 -7.22
C GLU B 263 23.25 -26.31 -8.06
N LEU B 264 22.51 -25.68 -8.98
CA LEU B 264 23.09 -24.63 -9.81
C LEU B 264 23.66 -23.51 -8.95
N MET B 265 22.94 -23.10 -7.91
CA MET B 265 23.37 -22.01 -7.04
C MET B 265 24.57 -22.41 -6.21
N PRO B 298 7.36 -16.59 -12.00
CA PRO B 298 6.02 -16.42 -12.57
C PRO B 298 4.89 -16.76 -11.60
N MET B 299 4.65 -15.89 -10.61
CA MET B 299 3.64 -16.16 -9.60
C MET B 299 3.08 -14.83 -9.10
N ALA B 300 1.74 -14.73 -9.01
CA ALA B 300 1.08 -13.52 -8.58
C ALA B 300 1.14 -13.37 -7.05
N ILE B 301 0.89 -12.13 -6.58
CA ILE B 301 1.20 -11.78 -5.20
C ILE B 301 0.35 -12.56 -4.19
N PHE B 302 -0.91 -12.87 -4.52
CA PHE B 302 -1.76 -13.52 -3.52
C PHE B 302 -1.28 -14.94 -3.23
N GLU B 303 -0.89 -15.69 -4.26
CA GLU B 303 -0.43 -17.05 -4.00
C GLU B 303 0.87 -17.05 -3.21
N LEU B 304 1.68 -15.99 -3.36
CA LEU B 304 2.82 -15.79 -2.47
C LEU B 304 2.38 -15.63 -1.02
N LEU B 305 1.42 -14.72 -0.77
CA LEU B 305 0.96 -14.49 0.59
C LEU B 305 0.31 -15.75 1.19
N ASP B 306 -0.46 -16.46 0.36
CA ASP B 306 -1.10 -17.71 0.80
C ASP B 306 -0.07 -18.78 1.09
N TYR B 307 1.02 -18.83 0.32
CA TYR B 307 2.14 -19.69 0.65
C TYR B 307 2.69 -19.33 2.03
N ILE B 308 3.02 -18.05 2.23
CA ILE B 308 3.61 -17.61 3.50
C ILE B 308 2.73 -18.00 4.68
N VAL B 309 1.41 -17.93 4.50
CA VAL B 309 0.54 -18.19 5.63
C VAL B 309 0.27 -19.69 5.81
N ASN B 310 0.26 -20.48 4.73
CA ASN B 310 -0.25 -21.86 4.81
C ASN B 310 0.79 -22.94 4.52
N GLU B 311 2.06 -22.62 4.43
CA GLU B 311 3.09 -23.60 4.11
C GLU B 311 4.25 -23.50 5.07
N PRO B 312 5.10 -24.54 5.14
CA PRO B 312 6.30 -24.47 5.99
C PRO B 312 7.18 -23.30 5.59
N PRO B 313 8.03 -22.83 6.51
CA PRO B 313 8.90 -21.69 6.20
C PRO B 313 10.14 -22.13 5.47
N PRO B 314 10.88 -21.20 4.86
CA PRO B 314 12.16 -21.56 4.27
C PRO B 314 13.13 -22.05 5.32
N LYS B 315 14.15 -22.76 4.85
CA LYS B 315 15.25 -23.17 5.69
C LYS B 315 16.52 -23.16 4.84
N LEU B 316 17.64 -22.91 5.49
CA LEU B 316 18.90 -22.95 4.79
C LEU B 316 19.23 -24.38 4.38
N PRO B 317 19.95 -24.56 3.27
CA PRO B 317 20.37 -25.91 2.88
C PRO B 317 21.34 -26.49 3.89
N SER B 318 21.15 -27.78 4.19
CA SER B 318 21.86 -28.39 5.31
C SER B 318 23.31 -28.72 5.01
N ALA B 319 23.71 -28.76 3.73
CA ALA B 319 25.07 -29.16 3.40
C ALA B 319 26.11 -28.07 3.60
N VAL B 320 25.70 -26.80 3.60
CA VAL B 320 26.59 -25.70 3.30
C VAL B 320 26.91 -24.85 4.53
N PHE B 321 25.93 -24.58 5.39
CA PHE B 321 26.13 -23.69 6.53
C PHE B 321 26.05 -24.45 7.84
N SER B 322 26.69 -23.89 8.86
CA SER B 322 26.80 -24.55 10.16
C SER B 322 25.42 -24.74 10.78
N LEU B 323 25.37 -25.63 11.78
CA LEU B 323 24.17 -25.77 12.59
C LEU B 323 23.76 -24.45 13.19
N GLU B 324 24.73 -23.71 13.72
CA GLU B 324 24.40 -22.49 14.44
C GLU B 324 23.64 -21.51 13.54
N PHE B 325 24.04 -21.40 12.28
CA PHE B 325 23.33 -20.53 11.34
C PHE B 325 21.96 -21.09 10.98
N GLN B 326 21.91 -22.38 10.62
CA GLN B 326 20.65 -23.03 10.29
C GLN B 326 19.65 -22.86 11.42
N ASP B 327 20.11 -23.00 12.66
CA ASP B 327 19.24 -22.93 13.83
C ASP B 327 18.81 -21.50 14.12
N PHE B 328 19.74 -20.54 13.98
CA PHE B 328 19.38 -19.13 14.09
C PHE B 328 18.20 -18.81 13.16
N VAL B 329 18.33 -19.16 11.88
CA VAL B 329 17.28 -18.80 10.93
C VAL B 329 16.01 -19.61 11.20
N ASN B 330 16.16 -20.90 11.55
CA ASN B 330 14.98 -21.70 11.87
C ASN B 330 14.19 -21.09 13.03
N LYS B 331 14.89 -20.52 13.99
CA LYS B 331 14.21 -19.88 15.11
C LYS B 331 13.60 -18.54 14.72
N CYS B 332 14.21 -17.82 13.78
CA CYS B 332 13.58 -16.59 13.31
C CYS B 332 12.30 -16.85 12.53
N LEU B 333 12.17 -18.02 11.91
CA LEU B 333 11.12 -18.26 10.92
C LEU B 333 9.99 -19.14 11.45
N ILE B 334 9.88 -19.33 12.76
CA ILE B 334 8.75 -20.07 13.30
C ILE B 334 7.48 -19.25 13.09
N LYS B 335 6.43 -19.93 12.62
CA LYS B 335 5.21 -19.21 12.25
C LYS B 335 4.53 -18.59 13.46
N ASN B 336 4.46 -19.32 14.59
CA ASN B 336 3.84 -18.78 15.80
C ASN B 336 4.77 -17.77 16.44
N PRO B 337 4.38 -16.48 16.48
CA PRO B 337 5.27 -15.47 17.07
C PRO B 337 5.53 -15.66 18.55
N ALA B 338 4.68 -16.38 19.27
CA ALA B 338 4.97 -16.67 20.67
C ALA B 338 6.23 -17.52 20.81
N GLU B 339 6.42 -18.47 19.89
CA GLU B 339 7.54 -19.40 19.95
C GLU B 339 8.76 -18.92 19.18
N ARG B 340 8.57 -17.98 18.25
CA ARG B 340 9.69 -17.33 17.60
C ARG B 340 10.59 -16.69 18.65
N ALA B 341 11.89 -16.72 18.39
CA ALA B 341 12.82 -16.10 19.32
C ALA B 341 12.54 -14.61 19.41
N ASP B 342 12.68 -14.05 20.60
CA ASP B 342 12.65 -12.60 20.73
C ASP B 342 14.08 -12.09 20.60
N LEU B 343 14.30 -10.82 20.91
CA LEU B 343 15.63 -10.27 20.65
C LEU B 343 16.59 -10.60 21.77
N LYS B 344 16.11 -10.62 23.01
CA LYS B 344 16.91 -11.08 24.14
C LYS B 344 17.48 -12.46 23.87
N GLN B 345 16.64 -13.37 23.36
CA GLN B 345 17.08 -14.74 23.10
C GLN B 345 18.03 -14.79 21.90
N LEU B 346 17.74 -14.02 20.85
CA LEU B 346 18.60 -14.05 19.67
C LEU B 346 19.98 -13.48 19.96
N MET B 347 20.07 -12.51 20.88
CA MET B 347 21.35 -11.87 21.17
C MET B 347 22.32 -12.83 21.82
N VAL B 348 21.83 -13.83 22.55
CA VAL B 348 22.68 -14.78 23.23
C VAL B 348 22.70 -16.13 22.51
N HIS B 349 22.30 -16.16 21.24
CA HIS B 349 22.29 -17.39 20.47
C HIS B 349 23.69 -17.77 20.03
N ALA B 350 23.91 -19.07 19.83
CA ALA B 350 25.24 -19.59 19.53
C ALA B 350 25.88 -18.87 18.34
N PHE B 351 25.13 -18.76 17.25
CA PHE B 351 25.61 -18.08 16.05
C PHE B 351 26.08 -16.66 16.37
N ILE B 352 25.38 -15.97 17.26
CA ILE B 352 25.77 -14.60 17.60
C ILE B 352 27.05 -14.58 18.42
N LYS B 353 27.10 -15.38 19.50
CA LYS B 353 28.31 -15.42 20.31
C LYS B 353 29.52 -15.74 19.47
N ARG B 354 29.36 -16.65 18.49
CA ARG B 354 30.45 -16.95 17.58
C ARG B 354 30.86 -15.72 16.78
N SER B 355 29.92 -15.16 16.00
CA SER B 355 30.31 -14.12 15.04
C SER B 355 30.75 -12.83 15.73
N ASP B 356 30.18 -12.51 16.90
CA ASP B 356 30.58 -11.30 17.62
C ASP B 356 32.04 -11.37 18.04
N ALA B 357 32.50 -12.55 18.46
CA ALA B 357 33.87 -12.72 18.92
C ALA B 357 34.82 -13.07 17.79
N GLU B 358 34.34 -13.18 16.55
CA GLU B 358 35.20 -13.52 15.43
C GLU B 358 35.98 -12.29 14.97
N GLU B 359 36.85 -12.50 13.98
CA GLU B 359 37.66 -11.45 13.40
C GLU B 359 37.42 -11.44 11.89
N VAL B 360 36.48 -10.61 11.44
CA VAL B 360 36.30 -10.36 10.02
C VAL B 360 36.56 -8.88 9.77
N ASP B 361 37.29 -8.59 8.69
CA ASP B 361 37.47 -7.23 8.20
C ASP B 361 36.35 -6.99 7.19
N PHE B 362 35.29 -6.31 7.61
CA PHE B 362 34.12 -6.13 6.76
C PHE B 362 34.43 -5.18 5.60
N ALA B 363 34.92 -3.99 5.92
CA ALA B 363 35.20 -2.97 4.91
C ALA B 363 35.97 -3.54 3.72
N GLY B 364 36.96 -4.40 3.99
CA GLY B 364 37.73 -4.99 2.92
C GLY B 364 36.87 -5.83 1.99
N TRP B 365 36.08 -6.74 2.55
CA TRP B 365 35.19 -7.54 1.73
C TRP B 365 34.26 -6.67 0.92
N LEU B 366 33.72 -5.61 1.53
CA LEU B 366 32.77 -4.74 0.82
C LEU B 366 33.42 -4.06 -0.37
N CYS B 367 34.57 -3.40 -0.15
CA CYS B 367 35.16 -2.63 -1.23
C CYS B 367 35.78 -3.51 -2.31
N SER B 368 36.22 -4.71 -1.97
CA SER B 368 36.64 -5.61 -3.04
C SER B 368 35.44 -6.32 -3.67
N THR B 369 34.28 -6.28 -3.03
CA THR B 369 33.05 -6.80 -3.59
C THR B 369 32.50 -5.88 -4.67
N ILE B 370 32.52 -4.58 -4.42
CA ILE B 370 31.84 -3.66 -5.31
C ILE B 370 32.80 -2.76 -6.11
N GLY B 371 34.05 -2.58 -5.66
CA GLY B 371 35.01 -1.71 -6.32
C GLY B 371 35.06 -0.27 -5.83
N LEU B 372 35.17 -0.07 -4.52
CA LEU B 372 35.37 1.24 -3.91
C LEU B 372 36.74 1.31 -3.26
N ASN B 373 36.98 2.41 -2.54
CA ASN B 373 38.23 2.60 -1.81
C ASN B 373 38.02 3.62 -0.70
PG ANP C . -11.09 7.29 -7.96
O1G ANP C . -9.95 6.33 -8.09
O2G ANP C . -12.38 6.65 -8.59
O3G ANP C . -10.71 8.61 -8.76
PB ANP C . -12.45 8.91 -6.21
O1B ANP C . -13.85 8.39 -6.35
O2B ANP C . -12.27 9.60 -4.83
N3B ANP C . -11.36 7.64 -6.33
PA ANP C . -13.07 10.35 -8.52
O1A ANP C . -13.90 9.22 -9.04
O2A ANP C . -12.12 10.91 -9.59
O3A ANP C . -12.10 9.95 -7.32
O5' ANP C . -13.99 11.49 -7.94
C5' ANP C . -13.30 12.66 -7.49
C4' ANP C . -14.29 13.67 -6.95
O4' ANP C . -15.35 13.87 -7.92
C3' ANP C . -14.97 13.30 -5.63
O3' ANP C . -14.88 14.40 -4.72
C2' ANP C . -16.42 13.02 -6.05
O2' ANP C . -17.33 13.36 -5.00
C1' ANP C . -16.56 13.98 -7.21
N9 ANP C . -17.68 13.71 -8.12
C8 ANP C . -17.71 12.83 -9.17
N7 ANP C . -18.86 12.80 -9.81
C5 ANP C . -19.61 13.75 -9.15
C6 ANP C . -20.94 14.21 -9.34
N6 ANP C . -21.75 13.76 -10.30
N1 ANP C . -21.41 15.17 -8.50
C2 ANP C . -20.59 15.63 -7.54
N3 ANP C . -19.34 15.27 -7.26
C4 ANP C . -18.91 14.33 -8.11
MG MG D . -14.73 7.21 -8.40
PG ANP E . 11.25 1.18 1.08
O1G ANP E . 10.79 2.56 0.75
O2G ANP E . 10.18 0.44 1.99
O3G ANP E . 12.61 1.24 1.88
PB ANP E . 12.99 0.45 -0.97
O1B ANP E . 14.00 0.17 0.10
O2B ANP E . 13.20 -0.57 -2.11
N3B ANP E . 11.44 0.29 -0.35
PA ANP E . 13.93 3.03 -0.76
O1A ANP E . 14.13 2.70 0.66
O2A ANP E . 13.18 4.34 -1.01
O3A ANP E . 13.13 1.90 -1.54
O5' ANP E . 15.36 3.04 -1.42
C5' ANP E . 15.58 2.50 -2.74
C4' ANP E . 17.05 2.59 -3.03
O4' ANP E . 17.64 3.69 -2.31
C3' ANP E . 17.86 1.33 -2.66
O3' ANP E . 18.59 0.86 -3.79
C2' ANP E . 18.77 1.80 -1.52
O2' ANP E . 20.07 1.21 -1.62
C1' ANP E . 18.88 3.30 -1.77
N9 ANP E . 19.13 4.09 -0.58
C8 ANP E . 18.22 4.50 0.37
N7 ANP E . 18.73 5.20 1.34
C5 ANP E . 20.09 5.27 1.02
C6 ANP E . 21.17 5.89 1.67
N6 ANP E . 21.08 6.58 2.81
N1 ANP E . 22.38 5.78 1.08
C2 ANP E . 22.49 5.09 -0.06
N3 ANP E . 21.53 4.47 -0.76
C4 ANP E . 20.33 4.60 -0.15
MG MG F . 15.28 1.95 2.30
#